data_1KLK
#
_entry.id   1KLK
#
_cell.length_a   36.836
_cell.length_b   43.138
_cell.length_c   59.319
_cell.angle_alpha   90.00
_cell.angle_beta   95.03
_cell.angle_gamma   90.00
#
_symmetry.space_group_name_H-M   'P 1 21 1'
#
loop_
_entity.id
_entity.type
_entity.pdbx_description
1 polymer 'Dihydrofolate reductase'
2 non-polymer [N-(2,4-DIAMINOPTERIDIN-6-YL)-METHYL]-DIBENZ[B,F]AZEPINE
3 non-polymer 'NADPH DIHYDRO-NICOTINAMIDE-ADENINE-DINUCLEOTIDE PHOSPHATE'
4 water water
#
_entity_poly.entity_id   1
_entity_poly.type   'polypeptide(L)'
_entity_poly.pdbx_seq_one_letter_code
;MNQQKSLTLIVALTTSYGIGRSNSLPWKLKKEISYFKRVTSFVPTFDSFESMNVVLMGRKTWESIPLQFRPLKGRINVVI
TRNESLDLGNGIHSAKSLDHALELLYRTYGSESSVQINRIFVIGGAQLYKAAMDHPKLDRIMATIIYKDIHCDVFFPLKF
RDKEWSSVWKKEKHSDLESWVGTKVPHGKINEDGFDYEFEMWTRDL
;
_entity_poly.pdbx_strand_id   A
#
# COMPACT_ATOMS: atom_id res chain seq x y z
N GLN A 4 10.04 15.84 0.08
CA GLN A 4 8.89 14.89 0.19
C GLN A 4 8.85 13.97 -1.05
N LYS A 5 9.36 12.75 -0.91
CA LYS A 5 9.38 11.78 -2.01
C LYS A 5 7.95 11.43 -2.46
N SER A 6 7.82 10.59 -3.49
CA SER A 6 6.49 10.19 -3.98
C SER A 6 5.87 9.16 -3.06
N LEU A 7 4.54 9.12 -3.04
CA LEU A 7 3.79 8.18 -2.22
C LEU A 7 3.19 7.12 -3.12
N THR A 8 3.20 5.87 -2.65
CA THR A 8 2.61 4.79 -3.42
C THR A 8 1.49 4.13 -2.62
N LEU A 9 0.37 3.86 -3.29
CA LEU A 9 -0.79 3.23 -2.66
C LEU A 9 -0.95 1.81 -3.17
N ILE A 10 -1.07 0.86 -2.25
CA ILE A 10 -1.22 -0.52 -2.64
C ILE A 10 -2.52 -1.05 -2.04
N VAL A 11 -3.34 -1.65 -2.91
CA VAL A 11 -4.62 -2.19 -2.51
C VAL A 11 -5.11 -3.41 -3.34
N ALA A 12 -5.93 -4.23 -2.71
CA ALA A 12 -6.54 -5.41 -3.34
C ALA A 12 -8.02 -5.08 -3.20
N LEU A 13 -8.74 -5.01 -4.31
CA LEU A 13 -10.14 -4.65 -4.24
C LEU A 13 -10.95 -5.37 -5.29
N THR A 14 -12.24 -5.54 -4.98
CA THR A 14 -13.17 -6.20 -5.89
C THR A 14 -13.54 -5.22 -7.02
N THR A 15 -14.35 -5.64 -7.97
CA THR A 15 -14.74 -4.74 -9.05
C THR A 15 -15.76 -3.70 -8.57
N SER A 16 -16.31 -3.92 -7.38
CA SER A 16 -17.28 -2.97 -6.80
C SER A 16 -16.53 -2.14 -5.78
N TYR A 17 -15.20 -2.14 -5.90
CA TYR A 17 -14.29 -1.40 -5.01
C TYR A 17 -14.37 -1.84 -3.56
N GLY A 18 -14.86 -3.04 -3.33
CA GLY A 18 -14.94 -3.49 -1.95
C GLY A 18 -13.54 -3.88 -1.53
N ILE A 19 -13.15 -3.56 -0.30
CA ILE A 19 -11.82 -3.91 0.18
C ILE A 19 -11.78 -4.60 1.55
N GLY A 20 -12.92 -4.95 2.11
CA GLY A 20 -12.88 -5.60 3.40
C GLY A 20 -14.24 -5.88 3.99
N ARG A 21 -14.31 -6.94 4.79
CA ARG A 21 -15.56 -7.34 5.42
C ARG A 21 -15.35 -7.64 6.90
N SER A 22 -16.02 -6.86 7.75
CA SER A 22 -15.91 -7.03 9.20
C SER A 22 -14.47 -6.97 9.67
N ASN A 23 -13.84 -5.82 9.48
CA ASN A 23 -12.45 -5.62 9.90
C ASN A 23 -11.56 -6.82 9.55
N SER A 24 -11.82 -7.44 8.41
CA SER A 24 -11.05 -8.59 7.96
C SER A 24 -11.13 -8.68 6.42
N LEU A 25 -10.52 -9.71 5.85
CA LEU A 25 -10.55 -9.88 4.40
C LEU A 25 -11.42 -11.06 3.99
N PRO A 26 -12.49 -10.79 3.22
CA PRO A 26 -13.41 -11.82 2.75
C PRO A 26 -12.79 -12.79 1.75
N TRP A 27 -11.48 -13.01 1.84
CA TRP A 27 -10.80 -13.92 0.94
C TRP A 27 -9.43 -14.38 1.45
N LYS A 28 -9.03 -15.58 1.02
CA LYS A 28 -7.75 -16.14 1.42
C LYS A 28 -6.93 -16.44 0.17
N LEU A 29 -6.17 -15.44 -0.29
CA LEU A 29 -5.32 -15.60 -1.47
C LEU A 29 -3.87 -15.70 -1.02
N LYS A 30 -3.20 -16.77 -1.44
CA LYS A 30 -1.82 -17.03 -1.05
C LYS A 30 -0.82 -16.34 -1.97
N LYS A 31 -1.17 -16.27 -3.26
CA LYS A 31 -0.30 -15.64 -4.25
C LYS A 31 -0.35 -14.11 -4.25
N GLU A 32 -1.40 -13.53 -3.68
CA GLU A 32 -1.51 -12.07 -3.62
C GLU A 32 -0.63 -11.59 -2.49
N ILE A 33 -0.74 -12.26 -1.35
CA ILE A 33 0.06 -11.87 -0.21
C ILE A 33 1.58 -11.89 -0.50
N SER A 34 2.02 -12.74 -1.42
CA SER A 34 3.44 -12.78 -1.73
C SER A 34 3.76 -11.56 -2.56
N TYR A 35 2.83 -11.18 -3.42
CA TYR A 35 3.04 -10.01 -4.23
C TYR A 35 3.19 -8.81 -3.28
N PHE A 36 2.21 -8.64 -2.40
CA PHE A 36 2.21 -7.54 -1.45
C PHE A 36 3.57 -7.36 -0.78
N LYS A 37 4.08 -8.43 -0.19
CA LYS A 37 5.34 -8.39 0.53
C LYS A 37 6.56 -8.04 -0.30
N ARG A 38 6.66 -8.64 -1.48
CA ARG A 38 7.79 -8.36 -2.33
C ARG A 38 7.79 -6.92 -2.80
N VAL A 39 6.61 -6.43 -3.14
CA VAL A 39 6.44 -5.07 -3.62
C VAL A 39 6.79 -4.05 -2.55
N THR A 40 6.25 -4.25 -1.35
CA THR A 40 6.53 -3.32 -0.27
C THR A 40 7.94 -3.52 0.27
N SER A 41 8.57 -4.66 -0.06
CA SER A 41 9.92 -4.94 0.41
C SER A 41 11.04 -4.71 -0.60
N PHE A 42 10.73 -4.71 -1.89
CA PHE A 42 11.76 -4.52 -2.91
C PHE A 42 12.37 -3.12 -2.97
N VAL A 43 13.69 -3.09 -3.16
CA VAL A 43 14.45 -1.85 -3.25
C VAL A 43 15.45 -1.94 -4.40
N PRO A 44 15.37 -1.02 -5.37
CA PRO A 44 16.31 -1.04 -6.50
C PRO A 44 17.77 -1.02 -6.05
N THR A 45 18.57 -1.90 -6.65
CA THR A 45 19.99 -2.01 -6.31
C THR A 45 20.78 -0.72 -6.44
N PHE A 46 20.51 0.06 -7.49
CA PHE A 46 21.24 1.30 -7.70
C PHE A 46 21.10 2.32 -6.56
N ASP A 47 19.97 2.33 -5.86
CA ASP A 47 19.82 3.27 -4.76
C ASP A 47 20.86 2.94 -3.70
N SER A 48 20.99 3.81 -2.69
CA SER A 48 21.96 3.64 -1.61
C SER A 48 21.78 2.28 -0.90
N PHE A 49 22.92 1.72 -0.47
CA PHE A 49 23.02 0.42 0.19
C PHE A 49 22.07 0.26 1.41
N GLU A 50 21.97 1.23 2.35
CA GLU A 50 21.08 1.09 3.51
C GLU A 50 19.68 1.63 3.28
N SER A 51 19.13 1.36 2.11
CA SER A 51 17.79 1.82 1.74
C SER A 51 16.69 0.89 2.24
N MET A 52 15.67 1.43 2.88
CA MET A 52 14.55 0.64 3.39
C MET A 52 13.22 1.28 3.00
N ASN A 53 12.15 0.48 2.99
CA ASN A 53 10.82 1.00 2.61
C ASN A 53 9.99 1.28 3.84
N VAL A 54 8.92 2.03 3.64
CA VAL A 54 8.02 2.39 4.71
C VAL A 54 6.60 2.04 4.29
N VAL A 55 5.83 1.52 5.23
CA VAL A 55 4.43 1.20 4.97
C VAL A 55 3.64 2.01 5.99
N LEU A 56 2.70 2.81 5.50
CA LEU A 56 1.85 3.62 6.35
C LEU A 56 0.51 2.87 6.45
N MET A 57 -0.10 2.84 7.63
CA MET A 57 -1.38 2.14 7.79
C MET A 57 -2.25 2.79 8.86
N GLY A 58 -3.57 2.62 8.74
CA GLY A 58 -4.48 3.18 9.71
C GLY A 58 -4.45 2.37 11.00
N ARG A 59 -5.22 2.81 11.99
CA ARG A 59 -5.26 2.14 13.30
C ARG A 59 -6.06 0.87 13.26
N LYS A 60 -7.19 0.90 12.55
CA LYS A 60 -8.05 -0.27 12.45
C LYS A 60 -7.36 -1.32 11.63
N THR A 61 -6.54 -0.90 10.69
CA THR A 61 -5.83 -1.84 9.82
C THR A 61 -4.65 -2.48 10.58
N TRP A 62 -4.15 -1.79 11.60
CA TRP A 62 -3.03 -2.32 12.37
C TRP A 62 -3.49 -3.26 13.45
N GLU A 63 -4.68 -3.02 14.01
CA GLU A 63 -5.20 -3.90 15.07
C GLU A 63 -5.77 -5.20 14.47
N SER A 64 -6.06 -5.19 13.17
CA SER A 64 -6.63 -6.36 12.50
C SER A 64 -5.61 -7.36 12.00
N ILE A 65 -4.34 -7.01 12.09
CA ILE A 65 -3.26 -7.89 11.65
C ILE A 65 -2.85 -8.75 12.84
N PRO A 66 -3.03 -10.09 12.73
CA PRO A 66 -2.67 -11.02 13.81
C PRO A 66 -1.23 -10.83 14.30
N LEU A 67 -1.09 -10.72 15.63
CA LEU A 67 0.21 -10.50 16.27
C LEU A 67 1.35 -11.35 15.75
N GLN A 68 1.03 -12.48 15.13
CA GLN A 68 2.07 -13.35 14.57
C GLN A 68 2.58 -12.71 13.28
N PHE A 69 1.76 -11.88 12.67
CA PHE A 69 2.18 -11.22 11.44
C PHE A 69 2.85 -9.88 11.70
N ARG A 70 2.08 -8.88 12.14
CA ARG A 70 2.62 -7.57 12.43
C ARG A 70 3.72 -7.59 13.51
N PRO A 71 4.70 -6.65 13.43
CA PRO A 71 4.86 -5.59 12.44
C PRO A 71 5.50 -6.13 11.17
N LEU A 72 5.13 -5.56 10.04
CA LEU A 72 5.67 -6.01 8.79
C LEU A 72 7.18 -5.85 8.79
N LYS A 73 7.86 -7.00 8.79
CA LYS A 73 9.32 -7.09 8.81
C LYS A 73 9.99 -6.54 7.57
N GLY A 74 11.25 -6.15 7.73
CA GLY A 74 12.00 -5.62 6.61
C GLY A 74 11.53 -4.27 6.13
N ARG A 75 10.50 -3.74 6.78
CA ARG A 75 9.93 -2.46 6.43
C ARG A 75 9.78 -1.58 7.67
N ILE A 76 9.82 -0.27 7.45
CA ILE A 76 9.66 0.72 8.52
C ILE A 76 8.15 0.93 8.67
N ASN A 77 7.61 0.59 9.84
CA ASN A 77 6.17 0.68 10.11
C ASN A 77 5.68 1.92 10.87
N VAL A 78 4.67 2.58 10.29
CA VAL A 78 4.09 3.76 10.91
C VAL A 78 2.56 3.64 10.93
N VAL A 79 1.96 3.87 12.11
CA VAL A 79 0.50 3.78 12.29
C VAL A 79 -0.03 5.20 12.42
N ILE A 80 -1.02 5.54 11.61
CA ILE A 80 -1.59 6.89 11.68
C ILE A 80 -2.80 6.83 12.61
N THR A 81 -2.87 7.78 13.54
CA THR A 81 -3.97 7.82 14.52
C THR A 81 -4.24 9.23 15.04
N ARG A 82 -5.52 9.58 15.15
CA ARG A 82 -5.93 10.88 15.68
C ARG A 82 -6.07 10.67 17.20
N ASN A 83 -5.18 9.86 17.77
CA ASN A 83 -5.23 9.58 19.20
C ASN A 83 -3.84 9.15 19.66
N GLU A 84 -3.34 9.82 20.69
CA GLU A 84 -2.03 9.52 21.27
C GLU A 84 -2.13 8.37 22.27
N SER A 85 -2.31 7.15 21.77
CA SER A 85 -2.42 6.00 22.64
C SER A 85 -1.22 5.06 22.49
N LEU A 86 -1.13 4.10 23.40
CA LEU A 86 -0.04 3.14 23.45
C LEU A 86 0.08 2.18 22.29
N ASP A 87 1.17 2.27 21.55
CA ASP A 87 1.41 1.37 20.42
C ASP A 87 2.23 0.16 20.88
N LEU A 88 3.16 0.39 21.81
CA LEU A 88 4.01 -0.64 22.42
C LEU A 88 4.82 -1.38 21.38
N GLY A 89 5.77 -0.72 20.74
CA GLY A 89 6.54 -1.42 19.73
C GLY A 89 8.03 -1.39 19.90
N ASN A 90 8.69 -2.05 18.95
CA ASN A 90 10.14 -2.17 18.90
C ASN A 90 10.65 -0.91 18.19
N GLY A 91 9.75 0.06 18.07
CA GLY A 91 10.04 1.32 17.42
C GLY A 91 8.89 1.72 16.51
N ILE A 92 7.69 1.27 16.86
CA ILE A 92 6.50 1.56 16.06
C ILE A 92 6.10 3.03 16.11
N HIS A 93 6.52 3.75 15.07
CA HIS A 93 6.23 5.16 14.93
C HIS A 93 4.72 5.34 14.71
N SER A 94 4.22 6.52 15.05
CA SER A 94 2.82 6.84 14.89
C SER A 94 2.74 8.36 14.71
N ALA A 95 1.88 8.80 13.81
CA ALA A 95 1.76 10.22 13.53
C ALA A 95 0.30 10.60 13.38
N LYS A 96 0.03 11.89 13.59
CA LYS A 96 -1.32 12.43 13.52
C LYS A 96 -1.91 12.38 12.13
N SER A 97 -1.06 12.28 11.11
CA SER A 97 -1.53 12.25 9.74
C SER A 97 -0.40 11.87 8.78
N LEU A 98 -0.72 11.84 7.49
CA LEU A 98 0.25 11.53 6.46
C LEU A 98 1.41 12.52 6.48
N ASP A 99 1.06 13.80 6.54
CA ASP A 99 2.06 14.85 6.57
C ASP A 99 2.93 14.81 7.83
N HIS A 100 2.36 14.44 8.97
CA HIS A 100 3.19 14.36 10.16
C HIS A 100 4.09 13.15 10.04
N ALA A 101 3.53 12.04 9.61
CA ALA A 101 4.32 10.82 9.44
C ALA A 101 5.55 11.07 8.55
N LEU A 102 5.36 11.75 7.43
CA LEU A 102 6.47 12.05 6.53
C LEU A 102 7.53 12.91 7.21
N GLU A 103 7.09 13.79 8.10
CA GLU A 103 7.98 14.70 8.83
C GLU A 103 8.80 13.94 9.90
N LEU A 104 8.19 12.91 10.48
CA LEU A 104 8.81 12.06 11.49
C LEU A 104 9.92 11.26 10.80
N LEU A 105 9.61 10.79 9.61
CA LEU A 105 10.55 10.00 8.82
C LEU A 105 11.78 10.82 8.46
N TYR A 106 11.57 11.94 7.77
CA TYR A 106 12.67 12.78 7.33
C TYR A 106 13.55 13.23 8.49
N ARG A 107 12.91 13.56 9.61
CA ARG A 107 13.63 13.99 10.80
C ARG A 107 14.38 12.82 11.43
N THR A 108 13.66 11.71 11.64
CA THR A 108 14.25 10.53 12.24
C THR A 108 15.29 9.85 11.33
N TYR A 109 14.97 9.77 10.05
CA TYR A 109 15.85 9.14 9.05
C TYR A 109 16.45 10.15 8.06
N GLY A 110 17.76 10.34 8.12
CA GLY A 110 18.40 11.28 7.22
C GLY A 110 19.91 11.16 7.19
N SER A 111 20.60 12.26 7.51
CA SER A 111 22.06 12.27 7.48
C SER A 111 22.67 11.51 8.65
N GLU A 112 22.07 11.83 9.83
CA GLU A 112 22.53 11.21 11.07
C GLU A 112 22.01 9.79 11.20
N SER A 113 21.50 9.25 10.10
CA SER A 113 20.97 7.90 10.07
C SER A 113 21.80 6.95 9.24
N SER A 114 21.87 5.70 9.70
CA SER A 114 22.60 4.64 9.02
C SER A 114 21.52 3.89 8.25
N VAL A 115 20.34 4.50 8.22
CA VAL A 115 19.15 3.96 7.55
C VAL A 115 18.50 5.05 6.69
N GLN A 116 18.37 4.77 5.39
CA GLN A 116 17.77 5.71 4.43
C GLN A 116 16.41 5.25 3.92
N ILE A 117 15.47 6.19 3.86
CA ILE A 117 14.09 5.95 3.40
C ILE A 117 14.01 5.80 1.88
N ASN A 118 13.56 4.66 1.39
CA ASN A 118 13.48 4.46 -0.05
C ASN A 118 12.10 4.85 -0.59
N ARG A 119 11.20 3.88 -0.65
CA ARG A 119 9.84 4.12 -1.13
C ARG A 119 8.89 4.10 0.05
N ILE A 120 7.81 4.88 -0.06
CA ILE A 120 6.80 4.98 0.98
C ILE A 120 5.50 4.42 0.46
N PHE A 121 4.98 3.40 1.15
CA PHE A 121 3.74 2.73 0.76
C PHE A 121 2.57 2.97 1.73
N VAL A 122 1.39 3.30 1.19
CA VAL A 122 0.19 3.49 2.02
C VAL A 122 -0.53 2.16 1.90
N ILE A 123 -0.37 1.29 2.89
CA ILE A 123 -0.96 -0.04 2.79
C ILE A 123 -2.42 -0.15 3.13
N GLY A 124 -3.11 0.95 3.18
CA GLY A 124 -4.51 0.77 3.47
C GLY A 124 -5.16 1.23 4.72
N GLY A 125 -6.48 1.05 4.58
CA GLY A 125 -7.46 1.42 5.55
C GLY A 125 -8.22 2.46 4.75
N ALA A 126 -9.52 2.21 4.57
CA ALA A 126 -10.40 3.11 3.83
C ALA A 126 -10.13 4.58 4.12
N GLN A 127 -10.16 4.95 5.40
CA GLN A 127 -9.91 6.33 5.80
C GLN A 127 -8.53 6.83 5.42
N LEU A 128 -7.51 5.98 5.52
CA LEU A 128 -6.16 6.41 5.19
C LEU A 128 -6.02 6.48 3.66
N TYR A 129 -6.88 5.75 2.95
CA TYR A 129 -6.83 5.77 1.50
C TYR A 129 -7.29 7.12 0.97
N LYS A 130 -8.46 7.55 1.41
CA LYS A 130 -9.00 8.84 0.99
C LYS A 130 -8.02 9.95 1.24
N ALA A 131 -7.29 9.86 2.35
CA ALA A 131 -6.32 10.88 2.69
C ALA A 131 -5.16 10.85 1.70
N ALA A 132 -4.73 9.64 1.35
CA ALA A 132 -3.65 9.46 0.40
C ALA A 132 -4.10 9.89 -1.00
N MET A 133 -5.38 9.73 -1.31
CA MET A 133 -5.89 10.12 -2.63
C MET A 133 -5.97 11.63 -2.74
N ASP A 134 -6.17 12.32 -1.61
CA ASP A 134 -6.23 13.77 -1.60
C ASP A 134 -4.84 14.42 -1.52
N HIS A 135 -3.82 13.62 -1.21
CA HIS A 135 -2.47 14.14 -1.07
C HIS A 135 -1.84 14.43 -2.43
N PRO A 136 -1.24 15.61 -2.60
CA PRO A 136 -0.59 16.02 -3.85
C PRO A 136 0.66 15.23 -4.20
N LYS A 137 1.06 14.28 -3.35
CA LYS A 137 2.26 13.49 -3.64
C LYS A 137 1.98 12.06 -4.10
N LEU A 138 0.77 11.55 -3.84
CA LEU A 138 0.44 10.20 -4.28
C LEU A 138 0.48 10.27 -5.82
N ASP A 139 1.04 9.27 -6.47
CA ASP A 139 1.15 9.27 -7.92
C ASP A 139 1.05 7.87 -8.48
N ARG A 140 1.12 6.88 -7.60
CA ARG A 140 1.07 5.49 -8.03
C ARG A 140 0.07 4.69 -7.23
N ILE A 141 -0.57 3.75 -7.91
CA ILE A 141 -1.54 2.85 -7.30
C ILE A 141 -1.32 1.40 -7.75
N MET A 142 -0.79 0.59 -6.85
CA MET A 142 -0.57 -0.82 -7.15
C MET A 142 -1.90 -1.49 -6.77
N ALA A 143 -2.63 -1.97 -7.77
CA ALA A 143 -3.93 -2.59 -7.54
C ALA A 143 -4.05 -4.05 -7.93
N THR A 144 -4.78 -4.81 -7.12
CA THR A 144 -5.05 -6.22 -7.37
C THR A 144 -6.57 -6.28 -7.51
N ILE A 145 -7.07 -6.64 -8.68
CA ILE A 145 -8.52 -6.67 -8.89
C ILE A 145 -9.13 -8.06 -8.74
N ILE A 146 -10.04 -8.22 -7.77
CA ILE A 146 -10.72 -9.51 -7.59
C ILE A 146 -11.97 -9.39 -8.46
N TYR A 147 -12.05 -10.26 -9.46
CA TYR A 147 -13.17 -10.26 -10.41
C TYR A 147 -14.35 -11.04 -9.88
N LYS A 148 -14.69 -10.78 -8.62
CA LYS A 148 -15.80 -11.45 -7.98
C LYS A 148 -16.35 -10.39 -7.04
N ASP A 149 -17.58 -9.96 -7.31
CA ASP A 149 -18.23 -8.96 -6.48
C ASP A 149 -18.53 -9.54 -5.09
N ILE A 150 -17.50 -9.67 -4.27
CA ILE A 150 -17.65 -10.24 -2.94
C ILE A 150 -18.36 -9.25 -2.04
N HIS A 151 -19.05 -9.77 -1.02
CA HIS A 151 -19.78 -8.92 -0.11
C HIS A 151 -18.84 -8.37 0.96
N CYS A 152 -18.66 -7.04 0.93
CA CYS A 152 -17.80 -6.33 1.87
C CYS A 152 -18.63 -5.29 2.57
N ASP A 153 -17.98 -4.49 3.39
CA ASP A 153 -18.67 -3.44 4.13
C ASP A 153 -17.67 -2.30 4.35
N VAL A 154 -16.64 -2.31 3.51
CA VAL A 154 -15.58 -1.31 3.54
C VAL A 154 -15.22 -1.12 2.06
N PHE A 155 -15.15 0.11 1.60
CA PHE A 155 -14.86 0.38 0.20
C PHE A 155 -13.84 1.47 -0.07
N PHE A 156 -13.21 1.36 -1.23
CA PHE A 156 -12.21 2.32 -1.67
C PHE A 156 -12.96 3.61 -2.01
N PRO A 157 -12.47 4.77 -1.52
CA PRO A 157 -13.10 6.08 -1.76
C PRO A 157 -13.27 6.58 -3.21
N LEU A 158 -12.21 6.55 -4.01
CA LEU A 158 -12.33 7.00 -5.40
C LEU A 158 -12.34 5.86 -6.40
N LYS A 159 -13.24 5.96 -7.38
CA LYS A 159 -13.37 4.97 -8.45
C LYS A 159 -12.36 5.31 -9.55
N PHE A 160 -11.08 5.03 -9.29
CA PHE A 160 -10.03 5.38 -10.24
C PHE A 160 -10.04 4.53 -11.51
N ARG A 161 -10.76 3.41 -11.48
CA ARG A 161 -10.84 2.52 -12.65
C ARG A 161 -12.02 2.86 -13.58
N ASP A 162 -12.99 3.62 -13.09
CA ASP A 162 -14.16 3.99 -13.88
C ASP A 162 -13.85 5.10 -14.88
N LYS A 163 -14.82 5.41 -15.74
CA LYS A 163 -14.64 6.43 -16.78
C LYS A 163 -14.42 7.86 -16.30
N GLU A 164 -15.18 8.28 -15.30
CA GLU A 164 -15.09 9.65 -14.76
C GLU A 164 -13.68 10.11 -14.44
N TRP A 165 -12.81 9.17 -14.07
CA TRP A 165 -11.42 9.47 -13.73
C TRP A 165 -10.40 9.08 -14.79
N SER A 166 -10.85 8.56 -15.92
CA SER A 166 -9.93 8.09 -16.95
C SER A 166 -8.92 9.11 -17.48
N SER A 167 -9.14 10.40 -17.22
CA SER A 167 -8.19 11.38 -17.72
C SER A 167 -7.11 11.73 -16.69
N VAL A 168 -7.30 11.24 -15.46
CA VAL A 168 -6.34 11.49 -14.38
C VAL A 168 -5.47 10.24 -14.14
N TRP A 169 -6.12 9.11 -13.96
CA TRP A 169 -5.44 7.83 -13.74
C TRP A 169 -5.26 7.01 -15.02
N LYS A 170 -4.01 6.68 -15.30
CA LYS A 170 -3.68 5.90 -16.47
C LYS A 170 -3.08 4.57 -16.03
N LYS A 171 -3.57 3.48 -16.61
CA LYS A 171 -3.04 2.17 -16.30
C LYS A 171 -1.80 1.97 -17.14
N GLU A 172 -0.75 1.43 -16.54
CA GLU A 172 0.51 1.22 -17.23
C GLU A 172 0.56 -0.21 -17.75
N LYS A 173 1.36 -0.41 -18.81
CA LYS A 173 1.54 -1.71 -19.41
C LYS A 173 2.13 -2.60 -18.35
N HIS A 174 2.12 -3.90 -18.60
CA HIS A 174 2.66 -4.84 -17.63
C HIS A 174 4.20 -4.73 -17.53
N SER A 175 4.83 -4.37 -18.65
CA SER A 175 6.29 -4.22 -18.71
C SER A 175 6.77 -3.10 -17.80
N ASP A 176 5.91 -2.10 -17.61
CA ASP A 176 6.22 -1.00 -16.73
C ASP A 176 5.96 -1.45 -15.30
N LEU A 177 4.90 -2.25 -15.13
CA LEU A 177 4.55 -2.78 -13.82
C LEU A 177 5.68 -3.69 -13.31
N GLU A 178 6.31 -4.47 -14.20
CA GLU A 178 7.39 -5.36 -13.79
C GLU A 178 8.69 -4.63 -13.49
N SER A 179 9.01 -3.66 -14.33
CA SER A 179 10.23 -2.91 -14.13
C SER A 179 10.26 -2.14 -12.81
N TRP A 180 9.15 -1.49 -12.49
CA TRP A 180 9.05 -0.73 -11.23
C TRP A 180 9.24 -1.68 -10.04
N VAL A 181 8.85 -2.94 -10.22
CA VAL A 181 8.97 -3.95 -9.16
C VAL A 181 10.25 -4.78 -9.25
N GLY A 182 11.04 -4.53 -10.31
CA GLY A 182 12.30 -5.22 -10.47
C GLY A 182 12.27 -6.69 -10.81
N THR A 183 11.09 -7.29 -10.81
CA THR A 183 10.99 -8.71 -11.14
C THR A 183 9.78 -9.01 -12.00
N LYS A 184 9.66 -10.25 -12.45
CA LYS A 184 8.54 -10.66 -13.29
C LYS A 184 7.35 -11.06 -12.42
N VAL A 185 6.17 -10.69 -12.88
CA VAL A 185 4.93 -10.99 -12.17
C VAL A 185 3.88 -11.53 -13.14
N PRO A 186 3.04 -12.45 -12.68
CA PRO A 186 1.99 -13.03 -13.52
C PRO A 186 1.14 -12.04 -14.31
N HIS A 187 1.16 -12.21 -15.63
CA HIS A 187 0.43 -11.38 -16.58
C HIS A 187 -0.92 -12.04 -16.89
N GLY A 188 -2.01 -11.29 -16.71
CA GLY A 188 -3.33 -11.83 -16.98
C GLY A 188 -3.99 -12.33 -15.70
N LYS A 189 -5.20 -12.87 -15.83
CA LYS A 189 -5.94 -13.35 -14.68
C LYS A 189 -5.12 -14.41 -13.95
N ILE A 190 -5.50 -14.70 -12.72
CA ILE A 190 -4.85 -15.67 -11.86
C ILE A 190 -5.98 -16.30 -11.07
N ASN A 191 -6.24 -17.58 -11.28
CA ASN A 191 -7.33 -18.22 -10.57
C ASN A 191 -6.89 -19.05 -9.39
N GLU A 192 -6.93 -18.43 -8.22
CA GLU A 192 -6.56 -19.06 -6.97
C GLU A 192 -7.85 -19.35 -6.19
N ASP A 193 -8.20 -20.64 -6.12
CA ASP A 193 -9.39 -21.12 -5.40
C ASP A 193 -10.74 -20.51 -5.75
N GLY A 194 -10.97 -20.33 -7.05
CA GLY A 194 -12.25 -19.76 -7.48
C GLY A 194 -12.31 -18.26 -7.35
N PHE A 195 -11.14 -17.66 -7.55
CA PHE A 195 -10.97 -16.21 -7.57
C PHE A 195 -10.16 -15.89 -8.80
N ASP A 196 -10.55 -14.86 -9.54
CA ASP A 196 -9.79 -14.46 -10.72
C ASP A 196 -9.38 -13.03 -10.44
N TYR A 197 -8.07 -12.82 -10.29
CA TYR A 197 -7.56 -11.49 -10.02
C TYR A 197 -6.32 -11.26 -10.85
N GLU A 198 -5.90 -10.00 -10.95
CA GLU A 198 -4.71 -9.66 -11.70
C GLU A 198 -4.10 -8.39 -11.15
N PHE A 199 -2.82 -8.21 -11.43
CA PHE A 199 -2.13 -7.03 -10.95
C PHE A 199 -2.19 -5.92 -11.95
N GLU A 200 -2.33 -4.70 -11.44
CA GLU A 200 -2.38 -3.54 -12.29
C GLU A 200 -1.66 -2.44 -11.58
N MET A 201 -1.14 -1.52 -12.38
CA MET A 201 -0.46 -0.36 -11.85
C MET A 201 -1.00 0.86 -12.60
N TRP A 202 -1.51 1.81 -11.83
CA TRP A 202 -2.06 3.02 -12.41
C TRP A 202 -1.18 4.16 -11.96
N THR A 203 -1.03 5.12 -12.86
CA THR A 203 -0.21 6.28 -12.60
C THR A 203 -1.04 7.51 -12.87
N ARG A 204 -0.77 8.54 -12.08
CA ARG A 204 -1.46 9.80 -12.18
C ARG A 204 -0.47 10.88 -12.59
N ASP A 205 -1.01 11.96 -13.13
CA ASP A 205 -0.19 13.05 -13.58
C ASP A 205 -0.06 14.06 -12.46
N LEU A 206 1.15 14.57 -12.30
CA LEU A 206 1.43 15.58 -11.29
C LEU A 206 1.95 16.86 -11.97
#